data_7EV5
#
_entry.id   7EV5
#
_cell.length_a   55.356
_cell.length_b   55.356
_cell.length_c   143.094
_cell.angle_alpha   90.00
_cell.angle_beta   90.00
_cell.angle_gamma   90.00
#
_symmetry.space_group_name_H-M   'P 41 21 2'
#
loop_
_entity.id
_entity.type
_entity.pdbx_description
1 polymer 'Lactamase_B domain-containing protein'
2 non-polymer 'ZINC ION'
3 non-polymer 'IODIDE ION'
4 water water
#
_entity_poly.entity_id   1
_entity_poly.type   'polypeptide(L)'
_entity_poly.pdbx_seq_one_letter_code
;MFKQIPLGPIQTNAYVLYNDDKEAVIFDPGGDAEALITWLKREQLTPLAILLTHAHFDHIGAVDAVRDTFSIPVYLHTKE
RHWLEDPALNGSSRLTGRPITTAKPADHLLTNEKSLTIGTFTFSVFHTPGHSPGSVSYYYQKEAVLFSGDVLFQQSIGRT
DLRGGDHTLLLASIHNKILPLPERTIVASGHGPLTTIGQEMDHNPFLTGY
;
_entity_poly.pdbx_strand_id   A
#
# COMPACT_ATOMS: atom_id res chain seq x y z
N MET A 1 -6.34 -10.81 11.61
CA MET A 1 -5.54 -11.67 10.75
C MET A 1 -4.49 -10.87 9.97
N PHE A 2 -4.12 -9.70 10.46
CA PHE A 2 -3.04 -8.94 9.85
C PHE A 2 -2.29 -8.19 10.92
N LYS A 3 -1.06 -7.81 10.58
CA LYS A 3 -0.24 -6.97 11.44
C LYS A 3 0.17 -5.70 10.70
N GLN A 4 0.03 -4.57 11.39
CA GLN A 4 0.58 -3.29 10.97
C GLN A 4 2.02 -3.19 11.47
N ILE A 5 2.95 -2.97 10.55
CA ILE A 5 4.38 -2.96 10.87
C ILE A 5 5.00 -1.66 10.34
N PRO A 6 5.13 -0.63 11.17
CA PRO A 6 5.83 0.58 10.70
C PRO A 6 7.30 0.29 10.50
N LEU A 7 7.86 0.79 9.39
CA LEU A 7 9.22 0.46 9.01
C LEU A 7 9.97 1.68 8.47
N GLY A 8 11.26 1.75 8.79
CA GLY A 8 12.12 2.77 8.26
C GLY A 8 12.01 4.08 9.02
N PRO A 9 12.90 5.03 8.71
CA PRO A 9 12.81 6.33 9.37
C PRO A 9 11.47 7.03 9.17
N ILE A 10 10.84 6.86 8.01
CA ILE A 10 9.54 7.47 7.78
C ILE A 10 8.44 6.78 8.60
N GLN A 11 8.67 5.52 8.99
CA GLN A 11 7.71 4.72 9.75
C GLN A 11 6.46 4.39 8.96
N THR A 12 6.59 4.33 7.63
CA THR A 12 5.50 3.89 6.77
C THR A 12 5.03 2.51 7.18
N ASN A 13 3.71 2.32 7.18
CA ASN A 13 3.12 1.05 7.61
C ASN A 13 3.22 0.04 6.47
N ALA A 14 4.05 -0.99 6.65
CA ALA A 14 3.82 -2.22 5.91
C ALA A 14 2.69 -2.99 6.58
N TYR A 15 2.13 -3.94 5.86
CA TYR A 15 1.13 -4.84 6.44
C TYR A 15 1.46 -6.26 6.05
N VAL A 16 1.26 -7.19 6.98
CA VAL A 16 1.29 -8.61 6.66
C VAL A 16 -0.08 -9.18 6.98
N LEU A 17 -0.77 -9.64 5.93
CA LEU A 17 -2.05 -10.33 6.05
C LEU A 17 -1.77 -11.83 5.99
N TYR A 18 -2.39 -12.60 6.89
CA TYR A 18 -2.08 -14.03 6.96
C TYR A 18 -3.37 -14.81 7.18
N ASN A 19 -3.24 -16.14 7.05
CA ASN A 19 -4.34 -17.07 7.28
C ASN A 19 -3.88 -18.12 8.30
N ASP A 20 -4.79 -19.04 8.63
CA ASP A 20 -4.48 -20.05 9.64
C ASP A 20 -3.44 -21.05 9.16
N ASP A 21 -3.29 -21.23 7.84
CA ASP A 21 -2.26 -22.07 7.25
C ASP A 21 -0.89 -21.41 7.22
N LYS A 22 -0.75 -20.23 7.84
CA LYS A 22 0.52 -19.49 7.96
C LYS A 22 1.05 -19.01 6.62
N GLU A 23 0.19 -18.84 5.63
CA GLU A 23 0.55 -18.15 4.40
C GLU A 23 0.27 -16.67 4.56
N ALA A 24 0.97 -15.85 3.77
CA ALA A 24 0.90 -14.43 4.02
C ALA A 24 1.01 -13.61 2.73
N VAL A 25 0.45 -12.41 2.80
CA VAL A 25 0.56 -11.39 1.76
C VAL A 25 1.19 -10.16 2.40
N ILE A 26 2.20 -9.59 1.75
CA ILE A 26 2.95 -8.45 2.26
C ILE A 26 2.54 -7.21 1.47
N PHE A 27 2.22 -6.13 2.17
CA PHE A 27 1.92 -4.84 1.54
C PHE A 27 3.00 -3.84 1.91
N ASP A 28 3.49 -3.11 0.92
CA ASP A 28 4.32 -1.93 1.12
C ASP A 28 5.49 -2.12 2.09
N PRO A 29 6.41 -3.03 1.80
CA PRO A 29 7.62 -3.16 2.63
C PRO A 29 8.60 -2.03 2.36
N GLY A 30 8.56 -1.00 3.20
CA GLY A 30 9.14 0.28 2.84
C GLY A 30 10.56 0.54 3.31
N GLY A 31 10.99 -0.18 4.34
CA GLY A 31 12.30 0.05 4.93
C GLY A 31 12.56 -1.05 5.93
N ASP A 32 13.69 -0.94 6.61
CA ASP A 32 14.08 -1.86 7.68
C ASP A 32 13.76 -3.32 7.32
N ALA A 33 14.27 -3.72 6.14
CA ALA A 33 13.92 -5.02 5.59
C ALA A 33 14.17 -6.15 6.59
N GLU A 34 15.28 -6.07 7.33
CA GLU A 34 15.67 -7.15 8.22
C GLU A 34 14.66 -7.33 9.36
N ALA A 35 14.09 -6.24 9.86
CA ALA A 35 13.06 -6.37 10.88
C ALA A 35 11.84 -7.10 10.34
N LEU A 36 11.43 -6.79 9.11
CA LEU A 36 10.28 -7.46 8.52
C LEU A 36 10.58 -8.91 8.19
N ILE A 37 11.74 -9.17 7.56
CA ILE A 37 12.10 -10.53 7.15
C ILE A 37 12.24 -11.44 8.36
N THR A 38 12.97 -10.98 9.38
CA THR A 38 13.16 -11.82 10.56
C THR A 38 11.86 -12.06 11.32
N TRP A 39 10.95 -11.07 11.35
CA TRP A 39 9.64 -11.31 11.97
C TRP A 39 8.88 -12.40 11.24
N LEU A 40 8.83 -12.32 9.90
CA LEU A 40 8.15 -13.35 9.12
C LEU A 40 8.73 -14.72 9.42
N LYS A 41 10.05 -14.82 9.53
CA LYS A 41 10.69 -16.11 9.78
C LYS A 41 10.44 -16.59 11.20
N ARG A 42 10.49 -15.69 12.19
CA ARG A 42 10.20 -16.09 13.56
C ARG A 42 8.78 -16.64 13.67
N GLU A 43 7.84 -16.04 12.94
CA GLU A 43 6.44 -16.45 12.97
C GLU A 43 6.17 -17.63 12.05
N GLN A 44 7.19 -18.11 11.33
CA GLN A 44 7.04 -19.25 10.43
C GLN A 44 5.96 -19.00 9.39
N LEU A 45 5.89 -17.76 8.89
CA LEU A 45 4.94 -17.38 7.86
C LEU A 45 5.60 -17.52 6.49
N THR A 46 4.84 -18.01 5.52
CA THR A 46 5.31 -18.15 4.14
C THR A 46 4.67 -17.10 3.28
N PRO A 47 5.37 -16.03 2.92
CA PRO A 47 4.75 -15.00 2.07
C PRO A 47 4.60 -15.51 0.65
N LEU A 48 3.52 -15.03 0.00
CA LEU A 48 3.15 -15.42 -1.35
C LEU A 48 3.36 -14.33 -2.38
N ALA A 49 3.36 -13.06 -1.97
CA ALA A 49 3.44 -11.94 -2.90
C ALA A 49 3.69 -10.67 -2.11
N ILE A 50 4.24 -9.67 -2.80
CA ILE A 50 4.30 -8.28 -2.35
C ILE A 50 3.31 -7.49 -3.19
N LEU A 51 2.35 -6.85 -2.53
CA LEU A 51 1.38 -5.98 -3.19
C LEU A 51 1.71 -4.55 -2.82
N LEU A 52 1.95 -3.71 -3.81
CA LEU A 52 2.29 -2.32 -3.56
C LEU A 52 1.08 -1.44 -3.81
N THR A 53 0.73 -0.63 -2.81
CA THR A 53 -0.30 0.37 -3.05
C THR A 53 0.19 1.42 -4.03
N HIS A 54 1.47 1.76 -3.96
CA HIS A 54 2.12 2.71 -4.85
C HIS A 54 3.62 2.59 -4.65
N ALA A 55 4.37 3.32 -5.48
CA ALA A 55 5.81 3.11 -5.55
C ALA A 55 6.62 4.28 -5.03
N HIS A 56 6.04 5.12 -4.17
CA HIS A 56 6.86 6.08 -3.46
C HIS A 56 7.94 5.37 -2.67
N PHE A 57 9.10 6.03 -2.53
CA PHE A 57 10.28 5.40 -1.94
C PHE A 57 9.99 4.81 -0.55
N ASP A 58 9.12 5.46 0.24
CA ASP A 58 8.89 5.03 1.60
C ASP A 58 8.04 3.77 1.68
N HIS A 59 7.54 3.29 0.54
CA HIS A 59 6.78 2.05 0.48
C HIS A 59 7.53 0.91 -0.17
N ILE A 60 8.76 1.13 -0.66
CA ILE A 60 9.45 0.17 -1.52
C ILE A 60 10.87 -0.15 -1.07
N GLY A 61 11.36 0.47 0.00
CA GLY A 61 12.78 0.34 0.31
C GLY A 61 13.22 -1.06 0.67
N ALA A 62 12.30 -1.90 1.16
CA ALA A 62 12.60 -3.28 1.52
C ALA A 62 12.17 -4.28 0.44
N VAL A 63 11.68 -3.81 -0.71
CA VAL A 63 11.18 -4.73 -1.73
C VAL A 63 12.26 -5.70 -2.20
N ASP A 64 13.45 -5.19 -2.54
CA ASP A 64 14.53 -6.04 -3.05
C ASP A 64 14.81 -7.19 -2.08
N ALA A 65 15.05 -6.86 -0.81
CA ALA A 65 15.44 -7.88 0.15
C ALA A 65 14.32 -8.88 0.39
N VAL A 66 13.08 -8.39 0.51
CA VAL A 66 11.96 -9.30 0.73
C VAL A 66 11.74 -10.18 -0.50
N ARG A 67 11.73 -9.58 -1.70
CA ARG A 67 11.57 -10.33 -2.93
CA ARG A 67 11.55 -10.34 -2.92
C ARG A 67 12.65 -11.38 -3.08
N ASP A 68 13.92 -11.00 -2.83
CA ASP A 68 15.03 -11.93 -3.01
C ASP A 68 14.99 -13.05 -1.97
N THR A 69 14.68 -12.71 -0.72
CA THR A 69 14.70 -13.71 0.35
C THR A 69 13.64 -14.78 0.13
N PHE A 70 12.44 -14.39 -0.29
CA PHE A 70 11.31 -15.30 -0.33
C PHE A 70 10.94 -15.75 -1.73
N SER A 71 11.57 -15.22 -2.78
CA SER A 71 11.28 -15.57 -4.16
C SER A 71 9.79 -15.41 -4.47
N ILE A 72 9.30 -14.19 -4.27
CA ILE A 72 7.89 -13.90 -4.44
C ILE A 72 7.68 -12.76 -5.44
N PRO A 73 6.54 -12.72 -6.10
CA PRO A 73 6.26 -11.66 -7.07
C PRO A 73 5.93 -10.34 -6.42
N VAL A 74 6.16 -9.27 -7.18
CA VAL A 74 5.84 -7.89 -6.80
C VAL A 74 4.75 -7.39 -7.76
N TYR A 75 3.66 -6.88 -7.19
CA TYR A 75 2.55 -6.30 -7.94
C TYR A 75 2.53 -4.78 -7.79
N LEU A 76 2.36 -4.07 -8.91
CA LEU A 76 2.35 -2.61 -8.92
C LEU A 76 1.54 -2.14 -10.12
N HIS A 77 0.85 -1.01 -9.97
CA HIS A 77 0.12 -0.44 -11.09
C HIS A 77 1.06 0.03 -12.20
N THR A 78 0.66 -0.24 -13.45
CA THR A 78 1.49 0.09 -14.60
C THR A 78 1.83 1.58 -14.67
N LYS A 79 0.98 2.46 -14.14
CA LYS A 79 1.27 3.87 -14.25
C LYS A 79 2.52 4.27 -13.47
N GLU A 80 2.95 3.45 -12.51
CA GLU A 80 4.16 3.72 -11.74
C GLU A 80 5.27 2.69 -12.00
N ARG A 81 5.18 1.95 -13.12
CA ARG A 81 6.14 0.88 -13.37
C ARG A 81 7.58 1.36 -13.44
N HIS A 82 7.80 2.59 -13.91
CA HIS A 82 9.15 3.15 -13.96
C HIS A 82 9.64 3.66 -12.62
N TRP A 83 8.76 3.79 -11.63
CA TRP A 83 9.14 4.46 -10.39
C TRP A 83 10.03 3.61 -9.50
N LEU A 84 9.94 2.28 -9.59
CA LEU A 84 10.69 1.43 -8.67
C LEU A 84 12.19 1.65 -8.83
N GLU A 85 12.64 1.78 -10.07
CA GLU A 85 14.07 1.79 -10.37
C GLU A 85 14.60 3.19 -10.62
N ASP A 86 13.76 4.22 -10.56
CA ASP A 86 14.16 5.59 -10.89
C ASP A 86 13.96 6.47 -9.66
N PRO A 87 15.04 6.85 -8.96
CA PRO A 87 14.91 7.66 -7.76
C PRO A 87 14.49 9.09 -8.03
N ALA A 88 14.58 9.55 -9.28
CA ALA A 88 14.05 10.85 -9.66
C ALA A 88 12.54 10.85 -9.79
N LEU A 89 11.91 9.69 -9.89
CA LEU A 89 10.47 9.60 -10.02
C LEU A 89 9.76 9.21 -8.73
N ASN A 90 10.41 8.43 -7.87
CA ASN A 90 9.73 7.86 -6.73
C ASN A 90 9.79 8.73 -5.47
N GLY A 91 10.37 9.92 -5.57
CA GLY A 91 10.45 10.84 -4.45
C GLY A 91 11.71 10.78 -3.61
N SER A 92 12.54 9.74 -3.74
CA SER A 92 13.65 9.61 -2.79
C SER A 92 14.64 10.75 -2.97
N SER A 93 15.09 11.00 -4.19
CA SER A 93 16.09 12.05 -4.41
C SER A 93 15.57 13.40 -3.96
N ARG A 94 14.35 13.74 -4.38
CA ARG A 94 13.84 15.08 -4.11
C ARG A 94 13.51 15.28 -2.63
N LEU A 95 12.94 14.28 -1.98
CA LEU A 95 12.45 14.47 -0.62
C LEU A 95 13.48 14.13 0.44
N THR A 96 14.49 13.32 0.10
CA THR A 96 15.48 12.90 1.09
C THR A 96 16.93 13.15 0.69
N GLY A 97 17.19 13.52 -0.57
CA GLY A 97 18.54 13.77 -1.00
C GLY A 97 19.36 12.54 -1.27
N ARG A 98 18.76 11.36 -1.23
CA ARG A 98 19.47 10.12 -1.48
C ARG A 98 18.58 9.22 -2.30
N PRO A 99 19.15 8.39 -3.19
CA PRO A 99 18.33 7.54 -4.05
C PRO A 99 17.96 6.24 -3.38
N ILE A 100 16.69 5.88 -3.53
CA ILE A 100 16.15 4.60 -3.08
C ILE A 100 15.49 3.95 -4.28
N THR A 101 15.84 2.69 -4.55
CA THR A 101 15.38 2.02 -5.76
C THR A 101 15.31 0.52 -5.51
N THR A 102 14.56 -0.16 -6.38
CA THR A 102 14.73 -1.60 -6.56
C THR A 102 15.73 -1.85 -7.68
N ALA A 103 16.17 -3.09 -7.77
CA ALA A 103 17.09 -3.50 -8.82
C ALA A 103 16.41 -4.18 -9.99
N LYS A 104 15.11 -4.45 -9.88
CA LYS A 104 14.32 -5.15 -10.88
C LYS A 104 12.95 -4.51 -10.92
N PRO A 105 12.31 -4.46 -12.09
CA PRO A 105 10.93 -3.97 -12.17
C PRO A 105 9.96 -4.94 -11.51
N ALA A 106 8.72 -4.47 -11.35
CA ALA A 106 7.68 -5.34 -10.85
C ALA A 106 7.45 -6.48 -11.83
N ASP A 107 7.07 -7.64 -11.31
CA ASP A 107 6.80 -8.88 -12.05
CA ASP A 107 6.83 -8.74 -12.24
C ASP A 107 5.36 -8.98 -12.52
N HIS A 108 4.47 -8.19 -11.93
CA HIS A 108 3.05 -8.21 -12.24
C HIS A 108 2.59 -6.76 -12.26
N LEU A 109 1.97 -6.32 -13.35
CA LEU A 109 1.55 -4.93 -13.52
C LEU A 109 0.03 -4.86 -13.56
N LEU A 110 -0.54 -4.07 -12.65
CA LEU A 110 -1.98 -3.87 -12.56
C LEU A 110 -2.44 -2.75 -13.50
N THR A 111 -3.67 -2.87 -13.97
CA THR A 111 -4.31 -1.84 -14.78
C THR A 111 -5.72 -1.56 -14.28
N ASN A 112 -6.70 -2.30 -14.80
CA ASN A 112 -8.11 -2.06 -14.49
C ASN A 112 -8.78 -3.28 -13.89
N GLU A 113 -8.02 -4.30 -13.49
CA GLU A 113 -8.59 -5.46 -12.80
C GLU A 113 -9.38 -5.01 -11.59
N LYS A 114 -10.57 -5.58 -11.43
CA LYS A 114 -11.38 -5.32 -10.24
C LYS A 114 -11.20 -6.38 -9.17
N SER A 115 -10.53 -7.48 -9.48
CA SER A 115 -10.28 -8.55 -8.51
C SER A 115 -8.86 -9.07 -8.71
N LEU A 116 -8.28 -9.60 -7.63
CA LEU A 116 -6.96 -10.20 -7.64
C LEU A 116 -6.97 -11.31 -6.60
N THR A 117 -6.54 -12.51 -7.00
CA THR A 117 -6.45 -13.64 -6.08
C THR A 117 -4.99 -14.04 -5.91
N ILE A 118 -4.53 -14.06 -4.66
CA ILE A 118 -3.18 -14.47 -4.30
C ILE A 118 -3.34 -15.72 -3.43
N GLY A 119 -3.07 -16.89 -3.99
CA GLY A 119 -3.34 -18.11 -3.25
C GLY A 119 -4.83 -18.20 -2.96
N THR A 120 -5.20 -18.33 -1.69
CA THR A 120 -6.61 -18.29 -1.31
C THR A 120 -7.08 -16.94 -0.81
N PHE A 121 -6.24 -15.90 -0.89
CA PHE A 121 -6.65 -14.55 -0.53
C PHE A 121 -7.24 -13.88 -1.77
N THR A 122 -8.49 -13.44 -1.69
CA THR A 122 -9.07 -12.68 -2.78
C THR A 122 -9.28 -11.23 -2.36
N PHE A 123 -8.95 -10.34 -3.28
CA PHE A 123 -9.06 -8.91 -3.05
C PHE A 123 -9.89 -8.29 -4.16
N SER A 124 -10.67 -7.28 -3.79
CA SER A 124 -11.20 -6.33 -4.75
CA SER A 124 -11.20 -6.33 -4.75
C SER A 124 -10.18 -5.21 -4.90
N VAL A 125 -9.93 -4.80 -6.13
CA VAL A 125 -8.91 -3.80 -6.42
C VAL A 125 -9.57 -2.54 -6.94
N PHE A 126 -9.26 -1.42 -6.31
CA PHE A 126 -9.73 -0.12 -6.76
C PHE A 126 -8.54 0.73 -7.17
N HIS A 127 -8.66 1.41 -8.30
CA HIS A 127 -7.65 2.36 -8.73
C HIS A 127 -8.01 3.69 -8.07
N THR A 128 -7.16 4.17 -7.15
CA THR A 128 -7.48 5.30 -6.27
C THR A 128 -6.39 6.35 -6.35
N PRO A 129 -6.23 7.00 -7.52
CA PRO A 129 -5.20 8.03 -7.69
C PRO A 129 -5.51 9.34 -7.00
N GLY A 130 -4.55 10.27 -7.06
CA GLY A 130 -4.68 11.57 -6.42
C GLY A 130 -3.46 11.91 -5.62
N HIS A 131 -3.05 10.98 -4.74
CA HIS A 131 -1.74 11.07 -4.09
C HIS A 131 -0.62 10.62 -5.04
N SER A 132 -0.89 9.62 -5.88
CA SER A 132 0.03 9.21 -6.92
C SER A 132 -0.77 8.54 -8.02
N PRO A 133 -0.28 8.54 -9.26
CA PRO A 133 -1.13 8.12 -10.39
C PRO A 133 -1.38 6.63 -10.44
N GLY A 134 -0.52 5.83 -9.84
CA GLY A 134 -0.71 4.39 -9.83
C GLY A 134 -1.14 3.86 -8.47
N SER A 135 -1.67 4.74 -7.63
CA SER A 135 -2.17 4.32 -6.32
C SER A 135 -3.36 3.39 -6.50
N VAL A 136 -3.29 2.24 -5.82
CA VAL A 136 -4.39 1.30 -5.80
CA VAL A 136 -4.31 1.20 -5.81
C VAL A 136 -4.68 0.93 -4.35
N SER A 137 -5.92 0.52 -4.13
CA SER A 137 -6.38 0.05 -2.82
C SER A 137 -6.88 -1.38 -2.93
N TYR A 138 -6.46 -2.22 -2.00
CA TYR A 138 -6.77 -3.64 -2.02
C TYR A 138 -7.76 -3.92 -0.90
N TYR A 139 -8.99 -4.30 -1.26
CA TYR A 139 -10.04 -4.57 -0.29
C TYR A 139 -10.13 -6.08 -0.05
N TYR A 140 -9.93 -6.48 1.19
CA TYR A 140 -10.02 -7.89 1.62
C TYR A 140 -11.34 -8.06 2.35
N GLN A 141 -12.35 -8.59 1.67
CA GLN A 141 -13.68 -8.65 2.25
C GLN A 141 -13.74 -9.60 3.45
N LYS A 142 -12.98 -10.70 3.39
CA LYS A 142 -13.11 -11.75 4.40
C LYS A 142 -12.90 -11.23 5.82
N GLU A 143 -11.91 -10.37 6.03
CA GLU A 143 -11.69 -9.76 7.33
C GLU A 143 -11.99 -8.27 7.33
N ALA A 144 -12.66 -7.77 6.30
CA ALA A 144 -13.17 -6.40 6.27
C ALA A 144 -12.07 -5.36 6.52
N VAL A 145 -11.02 -5.44 5.72
CA VAL A 145 -9.89 -4.53 5.84
C VAL A 145 -9.49 -4.05 4.44
N LEU A 146 -9.16 -2.77 4.35
CA LEU A 146 -8.80 -2.12 3.09
C LEU A 146 -7.36 -1.63 3.22
N PHE A 147 -6.49 -2.12 2.35
CA PHE A 147 -5.10 -1.67 2.31
C PHE A 147 -5.05 -0.59 1.22
N SER A 148 -5.21 0.66 1.63
CA SER A 148 -5.44 1.77 0.72
C SER A 148 -4.26 2.74 0.59
N GLY A 149 -3.09 2.37 1.11
CA GLY A 149 -1.94 3.24 0.94
C GLY A 149 -2.17 4.63 1.50
N ASP A 150 -1.83 5.65 0.70
CA ASP A 150 -1.76 7.02 1.20
C ASP A 150 -2.94 7.87 0.75
N VAL A 151 -4.09 7.25 0.53
CA VAL A 151 -5.27 8.01 0.11
C VAL A 151 -5.96 8.65 1.31
N LEU A 152 -6.22 7.85 2.35
CA LEU A 152 -7.06 8.23 3.48
C LEU A 152 -6.36 7.79 4.75
N PHE A 153 -6.15 8.72 5.68
CA PHE A 153 -5.54 8.40 6.96
C PHE A 153 -6.55 8.67 8.06
N GLN A 154 -6.20 8.26 9.27
CA GLN A 154 -6.96 8.68 10.44
CA GLN A 154 -6.97 8.69 10.44
C GLN A 154 -6.80 10.19 10.61
N GLN A 155 -7.88 10.94 10.42
CA GLN A 155 -7.94 12.39 10.62
C GLN A 155 -7.27 13.22 9.52
N SER A 156 -6.79 12.63 8.43
CA SER A 156 -6.24 13.42 7.35
C SER A 156 -6.36 12.62 6.05
N ILE A 157 -5.89 13.21 4.96
CA ILE A 157 -5.89 12.57 3.65
C ILE A 157 -4.50 12.71 3.04
N GLY A 158 -4.27 11.96 1.97
CA GLY A 158 -2.96 11.96 1.35
C GLY A 158 -2.55 13.32 0.82
N ARG A 159 -1.25 13.61 0.93
CA ARG A 159 -0.73 14.82 0.31
C ARG A 159 -0.85 14.71 -1.20
N THR A 160 -1.13 15.84 -1.86
CA THR A 160 -1.33 15.88 -3.29
C THR A 160 -0.33 16.80 -3.99
N ASP A 161 0.80 17.07 -3.33
CA ASP A 161 1.83 17.96 -3.84
C ASP A 161 3.03 17.25 -4.46
N LEU A 162 2.98 15.92 -4.60
CA LEU A 162 4.09 15.17 -5.16
C LEU A 162 3.89 14.90 -6.66
N ARG A 163 4.74 14.07 -7.25
CA ARG A 163 4.68 13.82 -8.68
CA ARG A 163 4.69 13.80 -8.68
C ARG A 163 3.33 13.26 -9.09
N GLY A 164 2.65 13.96 -10.00
CA GLY A 164 1.34 13.51 -10.43
C GLY A 164 0.23 13.72 -9.41
N GLY A 165 0.50 14.42 -8.32
CA GLY A 165 -0.54 14.67 -7.33
C GLY A 165 -1.66 15.53 -7.89
N ASP A 166 -2.88 15.25 -7.44
CA ASP A 166 -4.06 15.98 -7.92
C ASP A 166 -5.12 15.87 -6.84
N HIS A 167 -5.35 16.97 -6.12
CA HIS A 167 -6.30 16.96 -5.02
C HIS A 167 -7.72 16.69 -5.50
N THR A 168 -8.09 17.21 -6.67
CA THR A 168 -9.44 16.96 -7.20
C THR A 168 -9.66 15.48 -7.46
N LEU A 169 -8.61 14.78 -7.91
CA LEU A 169 -8.71 13.35 -8.15
C LEU A 169 -8.73 12.58 -6.83
N LEU A 170 -7.91 13.01 -5.85
CA LEU A 170 -7.90 12.33 -4.56
C LEU A 170 -9.27 12.36 -3.90
N LEU A 171 -9.93 13.52 -3.93
CA LEU A 171 -11.24 13.61 -3.29
C LEU A 171 -12.28 12.73 -3.98
N ALA A 172 -12.21 12.64 -5.30
CA ALA A 172 -13.09 11.72 -6.01
C ALA A 172 -12.80 10.27 -5.66
N SER A 173 -11.52 9.89 -5.61
CA SER A 173 -11.21 8.53 -5.15
C SER A 173 -11.81 8.24 -3.80
N ILE A 174 -11.70 9.20 -2.86
CA ILE A 174 -12.21 8.98 -1.51
C ILE A 174 -13.73 8.86 -1.53
N HIS A 175 -14.42 9.84 -2.10
CA HIS A 175 -15.88 9.84 -2.04
C HIS A 175 -16.49 8.74 -2.91
N ASN A 176 -15.93 8.50 -4.09
CA ASN A 176 -16.57 7.61 -5.06
C ASN A 176 -16.14 6.15 -4.93
N LYS A 177 -14.97 5.88 -4.38
CA LYS A 177 -14.46 4.51 -4.35
C LYS A 177 -14.20 3.97 -2.96
N ILE A 178 -13.75 4.79 -2.01
CA ILE A 178 -13.39 4.31 -0.69
C ILE A 178 -14.56 4.38 0.29
N LEU A 179 -15.13 5.56 0.46
CA LEU A 179 -16.20 5.72 1.44
C LEU A 179 -17.46 4.90 1.18
N PRO A 180 -17.81 4.49 -0.05
CA PRO A 180 -18.98 3.58 -0.20
C PRO A 180 -18.76 2.18 0.37
N LEU A 181 -17.54 1.80 0.73
CA LEU A 181 -17.30 0.49 1.31
C LEU A 181 -17.95 0.40 2.70
N PRO A 182 -18.15 -0.81 3.22
CA PRO A 182 -18.88 -0.94 4.49
C PRO A 182 -18.20 -0.17 5.61
N GLU A 183 -19.03 0.42 6.48
CA GLU A 183 -18.48 1.37 7.47
C GLU A 183 -17.55 0.69 8.48
N ARG A 184 -17.73 -0.61 8.74
CA ARG A 184 -16.86 -1.32 9.68
C ARG A 184 -15.49 -1.67 9.09
N THR A 185 -15.28 -1.41 7.79
CA THR A 185 -14.02 -1.75 7.14
C THR A 185 -12.86 -1.00 7.78
N ILE A 186 -11.82 -1.73 8.15
CA ILE A 186 -10.61 -1.08 8.66
C ILE A 186 -9.87 -0.43 7.51
N VAL A 187 -9.50 0.83 7.69
CA VAL A 187 -8.65 1.54 6.75
C VAL A 187 -7.21 1.34 7.22
N ALA A 188 -6.48 0.46 6.52
CA ALA A 188 -5.08 0.15 6.85
C ALA A 188 -4.25 0.96 5.87
N SER A 189 -3.84 2.14 6.32
CA SER A 189 -3.21 3.15 5.48
C SER A 189 -1.70 3.17 5.67
N GLY A 190 -1.05 3.97 4.82
CA GLY A 190 0.41 3.98 4.80
C GLY A 190 1.05 4.71 5.96
N HIS A 191 0.32 5.56 6.67
CA HIS A 191 0.94 6.37 7.71
C HIS A 191 -0.04 6.56 8.86
N GLY A 192 0.43 6.33 10.09
CA GLY A 192 -0.37 6.59 11.26
C GLY A 192 -1.28 5.43 11.65
N PRO A 193 -2.17 5.68 12.61
CA PRO A 193 -2.97 4.60 13.18
C PRO A 193 -4.03 4.05 12.24
N LEU A 194 -4.47 2.82 12.54
CA LEU A 194 -5.62 2.25 11.88
C LEU A 194 -6.87 3.09 12.18
N THR A 195 -7.83 3.03 11.27
CA THR A 195 -9.13 3.64 11.47
C THR A 195 -10.17 2.80 10.74
N THR A 196 -11.41 3.28 10.68
CA THR A 196 -12.44 2.62 9.90
C THR A 196 -13.08 3.64 8.98
N ILE A 197 -13.76 3.10 7.96
CA ILE A 197 -14.49 3.94 7.01
C ILE A 197 -15.51 4.81 7.75
N GLY A 198 -16.30 4.19 8.62
CA GLY A 198 -17.33 4.93 9.34
C GLY A 198 -16.77 6.05 10.19
N GLN A 199 -15.66 5.77 10.89
CA GLN A 199 -15.07 6.80 11.75
C GLN A 199 -14.59 7.99 10.94
N GLU A 200 -14.01 7.75 9.76
CA GLU A 200 -13.52 8.87 8.97
C GLU A 200 -14.67 9.64 8.34
N MET A 201 -15.70 8.93 7.90
CA MET A 201 -16.90 9.59 7.36
CA MET A 201 -16.90 9.59 7.36
C MET A 201 -17.47 10.57 8.38
N ASP A 202 -17.46 10.19 9.66
CA ASP A 202 -18.06 11.01 10.70
C ASP A 202 -17.13 12.07 11.28
N HIS A 203 -15.81 11.88 11.19
CA HIS A 203 -14.92 12.75 11.94
C HIS A 203 -13.70 13.28 11.21
N ASN A 204 -13.40 12.83 9.99
CA ASN A 204 -12.24 13.36 9.27
C ASN A 204 -12.55 14.78 8.81
N PRO A 205 -11.79 15.78 9.25
CA PRO A 205 -12.14 17.17 8.91
C PRO A 205 -11.99 17.51 7.45
N PHE A 206 -11.25 16.73 6.67
CA PHE A 206 -11.09 16.96 5.24
C PHE A 206 -12.20 16.32 4.41
N LEU A 207 -13.17 15.67 5.05
CA LEU A 207 -14.21 14.94 4.34
C LEU A 207 -15.60 15.58 4.44
N THR A 208 -15.75 16.68 5.17
CA THR A 208 -16.99 17.43 5.11
C THR A 208 -17.02 18.19 3.78
N GLY A 209 -18.01 17.88 2.94
CA GLY A 209 -18.04 18.44 1.61
C GLY A 209 -19.14 19.46 1.31
#